data_8JWZ
#
_entry.id   8JWZ
#
_cell.length_a   46.870
_cell.length_b   76.200
_cell.length_c   85.660
_cell.angle_alpha   90.000
_cell.angle_beta   101.630
_cell.angle_gamma   90.000
#
_symmetry.space_group_name_H-M   'P 1 21 1'
#
loop_
_entity.id
_entity.type
_entity.pdbx_description
1 polymer 'Adenosine receptor A2a,Endolysin'
2 non-polymer 'OLEIC ACID'
3 non-polymer 'SODIUM ION'
4 non-polymer '(2R)-2,3-dihydroxypropyl (9Z)-octadec-9-enoate'
5 non-polymer 3-[2-azanyl-6-[1-[[6-(2-oxidanylpropan-2-yl)pyridin-2-yl]methyl]-1,2,3-triazol-4-yl]pyrimidin-4-yl]-2-methyl-benzenecarbonitrile
6 non-polymer DI(HYDROXYETHYL)ETHER
7 non-polymer CHOLESTEROL
8 water water
#
_entity_poly.entity_id   1
_entity_poly.type   'polypeptide(L)'
_entity_poly.pdbx_seq_one_letter_code
;DYKDDDDGAPIMGSSVYITVELAIAVLAILGNVLVCWAVWLNSNLQNVTNYFVVSLAAADIAVGVLAIPFAITISTGFCA
ACHGCLFIACFVLVLTQSSIFSLLAIAIDRYIAIRIPLRYNGLVTGTRAKGIIAICWVLSFAIGLTPMLGWNNCGQPKEG
KNHSQGCGEGQVACLFEDVVPMNYMVYFNFFACVLVPLLLMLGVYLRIFLAARRQLNIFEMLRIDEGLRLKIYKDTEGYY
TIGIGHLLTKSPSLNAAKSELDKAIGRNTNGVITKDEAEKLFNQDVDAAVRGILRNAKLKPVYDSLDAVRRAALINMVFQ
MGETGVAGFTNSLRMLQQKRWDEAAVNLAKSRWYNQTPNRAKRVITTFRTGTWDAYRSTLQKEVHAAKSLAIIVGLFALC
WLPLHIINCFTFFCPDCSHAPLWLMYLAIVLSHTNSVVNPFIYAYRIREFRQTFRKIIRSHVLRQQEPFKAHHHHHHHHH
H
;
_entity_poly.pdbx_strand_id   A
#
loop_
_chem_comp.id
_chem_comp.type
_chem_comp.name
_chem_comp.formula
CLR non-polymer CHOLESTEROL 'C27 H46 O'
NA non-polymer 'SODIUM ION' 'Na 1'
OLA non-polymer 'OLEIC ACID' 'C18 H34 O2'
OLC non-polymer '(2R)-2,3-dihydroxypropyl (9Z)-octadec-9-enoate' 'C21 H40 O4'
PEG non-polymer DI(HYDROXYETHYL)ETHER 'C4 H10 O3'
U30 non-polymer 3-[2-azanyl-6-[1-[[6-(2-oxidanylpropan-2-yl)pyridin-2-yl]methyl]-1,2,3-triazol-4-yl]pyrimidin-4-yl]-2-methyl-benzenecarbonitrile 'C23 H22 N8 O'
#
# COMPACT_ATOMS: atom_id res chain seq x y z
N ILE A 11 5.38 45.52 -11.83
CA ILE A 11 5.60 44.13 -12.21
C ILE A 11 4.38 43.59 -12.94
N MET A 12 4.62 42.85 -14.02
CA MET A 12 3.55 42.27 -14.80
C MET A 12 2.94 41.08 -14.09
N GLY A 13 1.61 40.95 -14.21
CA GLY A 13 0.94 39.80 -13.62
C GLY A 13 1.37 38.48 -14.24
N SER A 14 1.81 38.51 -15.50
CA SER A 14 2.33 37.30 -16.13
C SER A 14 3.65 36.89 -15.51
N SER A 15 4.51 37.87 -15.18
CA SER A 15 5.83 37.56 -14.65
C SER A 15 5.76 36.80 -13.33
N VAL A 16 4.73 37.07 -12.52
CA VAL A 16 4.62 36.34 -11.26
C VAL A 16 4.10 34.93 -11.50
N TYR A 17 3.33 34.72 -12.57
CA TYR A 17 2.89 33.37 -12.89
C TYR A 17 4.03 32.54 -13.45
N ILE A 18 4.85 33.13 -14.33
CA ILE A 18 6.01 32.43 -14.86
C ILE A 18 6.98 32.06 -13.73
N THR A 19 7.22 33.01 -12.81
CA THR A 19 8.18 32.78 -11.74
C THR A 19 7.72 31.66 -10.82
N VAL A 20 6.44 31.65 -10.46
CA VAL A 20 5.91 30.60 -9.59
C VAL A 20 5.98 29.24 -10.28
N GLU A 21 5.63 29.18 -11.57
CA GLU A 21 5.67 27.91 -12.29
C GLU A 21 7.10 27.40 -12.41
N LEU A 22 8.06 28.30 -12.70
CA LEU A 22 9.43 27.87 -12.84
C LEU A 22 10.04 27.47 -11.50
N ALA A 23 9.61 28.11 -10.40
CA ALA A 23 10.06 27.70 -9.09
C ALA A 23 9.53 26.32 -8.72
N ILE A 24 8.26 26.06 -9.05
CA ILE A 24 7.69 24.73 -8.83
C ILE A 24 8.41 23.69 -9.66
N ALA A 25 8.73 24.03 -10.92
CA ALA A 25 9.44 23.09 -11.78
C ALA A 25 10.80 22.73 -11.21
N VAL A 26 11.54 23.73 -10.71
CA VAL A 26 12.86 23.46 -10.14
C VAL A 26 12.75 22.55 -8.93
N LEU A 27 11.82 22.86 -8.02
CA LEU A 27 11.63 22.03 -6.83
C LEU A 27 11.14 20.63 -7.18
N ALA A 28 10.32 20.50 -8.23
CA ALA A 28 9.84 19.18 -8.63
C ALA A 28 10.98 18.33 -9.19
N ILE A 29 11.88 18.96 -9.95
CA ILE A 29 13.02 18.21 -10.50
C ILE A 29 13.99 17.84 -9.39
N LEU A 30 14.46 18.85 -8.63
CA LEU A 30 15.47 18.60 -7.61
C LEU A 30 14.98 17.62 -6.55
N GLY A 31 13.73 17.80 -6.09
CA GLY A 31 13.22 16.93 -5.03
C GLY A 31 13.06 15.49 -5.49
N ASN A 32 12.52 15.29 -6.68
CA ASN A 32 12.26 13.93 -7.16
C ASN A 32 13.50 13.27 -7.74
N VAL A 33 14.49 14.05 -8.19
CA VAL A 33 15.79 13.46 -8.52
C VAL A 33 16.43 12.89 -7.26
N LEU A 34 16.31 13.61 -6.14
CA LEU A 34 16.79 13.08 -4.87
C LEU A 34 16.12 11.77 -4.49
N VAL A 35 14.85 11.60 -4.85
CA VAL A 35 14.14 10.36 -4.53
C VAL A 35 14.73 9.20 -5.30
N CYS A 36 14.87 9.33 -6.62
CA CYS A 36 15.49 8.29 -7.43
C CYS A 36 16.94 8.07 -7.02
N TRP A 37 17.65 9.16 -6.73
CA TRP A 37 19.04 9.05 -6.31
C TRP A 37 19.17 8.26 -5.01
N ALA A 38 18.23 8.47 -4.08
CA ALA A 38 18.29 7.76 -2.81
C ALA A 38 18.01 6.27 -3.00
N VAL A 39 17.05 5.92 -3.84
CA VAL A 39 16.73 4.52 -4.07
C VAL A 39 17.90 3.82 -4.76
N TRP A 40 18.53 4.50 -5.71
CA TRP A 40 19.67 3.90 -6.43
C TRP A 40 20.86 3.70 -5.50
N LEU A 41 20.99 4.52 -4.45
CA LEU A 41 22.14 4.45 -3.57
C LEU A 41 21.95 3.48 -2.41
N ASN A 42 20.74 3.40 -1.86
CA ASN A 42 20.49 2.65 -0.64
C ASN A 42 19.81 1.32 -0.97
N SER A 43 20.50 0.21 -0.66
CA SER A 43 19.92 -1.11 -0.89
C SER A 43 18.70 -1.34 0.00
N ASN A 44 18.65 -0.71 1.17
CA ASN A 44 17.48 -0.83 2.03
C ASN A 44 16.24 -0.19 1.41
N LEU A 45 16.41 0.67 0.42
CA LEU A 45 15.29 1.28 -0.28
C LEU A 45 14.94 0.57 -1.58
N GLN A 46 15.62 -0.53 -1.89
CA GLN A 46 15.41 -1.23 -3.15
C GLN A 46 14.44 -2.39 -2.96
N ASN A 47 13.20 -2.02 -2.66
CA ASN A 47 12.08 -2.95 -2.54
C ASN A 47 11.06 -2.64 -3.62
N VAL A 48 10.08 -3.53 -3.76
CA VAL A 48 9.10 -3.41 -4.84
C VAL A 48 8.27 -2.14 -4.66
N THR A 49 7.92 -1.81 -3.42
CA THR A 49 7.12 -0.61 -3.18
C THR A 49 7.81 0.64 -3.71
N ASN A 50 9.12 0.72 -3.55
CA ASN A 50 9.86 1.89 -4.03
C ASN A 50 10.09 1.86 -5.53
N TYR A 51 9.86 0.72 -6.20
CA TYR A 51 9.86 0.71 -7.65
C TYR A 51 8.76 1.61 -8.19
N PHE A 52 7.58 1.56 -7.58
CA PHE A 52 6.50 2.45 -7.97
C PHE A 52 6.72 3.87 -7.46
N VAL A 53 7.44 4.01 -6.35
CA VAL A 53 7.79 5.35 -5.86
C VAL A 53 8.73 6.03 -6.86
N VAL A 54 9.70 5.28 -7.40
CA VAL A 54 10.59 5.83 -8.40
C VAL A 54 9.83 6.18 -9.68
N SER A 55 8.97 5.27 -10.13
CA SER A 55 8.15 5.55 -11.31
C SER A 55 7.28 6.78 -11.09
N LEU A 56 6.73 6.93 -9.88
CA LEU A 56 5.98 8.14 -9.56
C LEU A 56 6.88 9.37 -9.59
N ALA A 57 8.12 9.23 -9.09
CA ALA A 57 9.05 10.36 -9.12
C ALA A 57 9.47 10.70 -10.54
N ALA A 58 9.62 9.68 -11.40
CA ALA A 58 10.00 9.94 -12.78
C ALA A 58 8.95 10.76 -13.51
N ALA A 59 7.67 10.53 -13.20
CA ALA A 59 6.62 11.33 -13.80
C ALA A 59 6.63 12.76 -13.29
N ASP A 60 6.94 12.94 -12.00
CA ASP A 60 7.00 14.28 -11.44
C ASP A 60 8.21 15.06 -11.96
N ILE A 61 9.31 14.37 -12.22
CA ILE A 61 10.45 15.03 -12.87
C ILE A 61 10.05 15.56 -14.23
N ALA A 62 9.35 14.73 -15.02
CA ALA A 62 8.89 15.16 -16.33
C ALA A 62 7.87 16.29 -16.25
N VAL A 63 7.17 16.42 -15.12
CA VAL A 63 6.26 17.55 -14.94
C VAL A 63 7.03 18.86 -14.92
N GLY A 64 8.16 18.88 -14.22
CA GLY A 64 8.95 20.11 -14.14
C GLY A 64 9.77 20.40 -15.37
N VAL A 65 10.12 19.37 -16.14
CA VAL A 65 10.94 19.56 -17.33
C VAL A 65 10.10 19.92 -18.54
N LEU A 66 8.93 19.28 -18.70
CA LEU A 66 8.14 19.44 -19.91
C LEU A 66 6.73 19.97 -19.64
N ALA A 67 5.99 19.37 -18.71
CA ALA A 67 4.58 19.69 -18.55
C ALA A 67 4.38 21.15 -18.12
N ILE A 68 5.15 21.60 -17.13
CA ILE A 68 5.03 22.99 -16.68
C ILE A 68 5.45 23.97 -17.78
N PRO A 69 6.57 23.79 -18.47
CA PRO A 69 6.82 24.66 -19.65
C PRO A 69 5.74 24.55 -20.71
N PHE A 70 5.13 23.38 -20.86
CA PHE A 70 4.04 23.24 -21.82
C PHE A 70 2.83 24.08 -21.40
N ALA A 71 2.49 24.06 -20.11
CA ALA A 71 1.34 24.81 -19.63
C ALA A 71 1.55 26.32 -19.80
N ILE A 72 2.80 26.77 -19.67
CA ILE A 72 3.08 28.20 -19.84
C ILE A 72 2.83 28.63 -21.28
N THR A 73 3.26 27.81 -22.24
CA THR A 73 3.11 28.19 -23.65
C THR A 73 1.65 28.19 -24.08
N ILE A 74 0.87 27.21 -23.62
CA ILE A 74 -0.55 27.15 -24.01
C ILE A 74 -1.41 28.11 -23.21
N SER A 75 -0.86 28.77 -22.19
CA SER A 75 -1.59 29.83 -21.52
C SER A 75 -1.75 31.06 -22.39
N THR A 76 -1.03 31.15 -23.50
CA THR A 76 -1.11 32.27 -24.41
C THR A 76 -2.06 32.05 -25.57
N GLY A 77 -2.40 30.80 -25.88
CA GLY A 77 -3.31 30.52 -26.99
C GLY A 77 -2.73 30.82 -28.35
N PHE A 78 -1.44 30.54 -28.55
CA PHE A 78 -0.81 30.81 -29.83
C PHE A 78 -1.34 29.88 -30.91
N CYS A 79 -1.14 30.29 -32.17
CA CYS A 79 -1.60 29.50 -33.31
C CYS A 79 -0.62 28.37 -33.58
N ALA A 80 -1.14 27.16 -33.78
CA ALA A 80 -0.30 25.99 -34.01
C ALA A 80 -1.12 24.93 -34.72
N ALA A 81 -0.43 23.93 -35.25
CA ALA A 81 -1.09 22.77 -35.84
C ALA A 81 -1.86 22.01 -34.77
N CYS A 82 -2.93 21.34 -35.20
CA CYS A 82 -3.82 20.67 -34.25
C CYS A 82 -3.09 19.55 -33.51
N HIS A 83 -2.48 18.63 -34.25
CA HIS A 83 -1.81 17.49 -33.60
C HIS A 83 -0.62 17.96 -32.77
N GLY A 84 0.09 18.98 -33.23
CA GLY A 84 1.21 19.50 -32.44
C GLY A 84 0.75 20.22 -31.19
N CYS A 85 -0.36 20.94 -31.27
CA CYS A 85 -0.91 21.59 -30.09
C CYS A 85 -1.43 20.58 -29.08
N LEU A 86 -2.00 19.48 -29.55
CA LEU A 86 -2.57 18.49 -28.65
C LEU A 86 -1.49 17.85 -27.77
N PHE A 87 -0.32 17.58 -28.35
CA PHE A 87 0.77 17.00 -27.57
C PHE A 87 1.19 17.92 -26.44
N ILE A 88 1.35 19.21 -26.73
CA ILE A 88 1.72 20.18 -25.70
C ILE A 88 0.67 20.23 -24.61
N ALA A 89 -0.61 20.05 -24.97
CA ALA A 89 -1.69 20.12 -23.99
C ALA A 89 -1.97 18.79 -23.31
N CYS A 90 -1.82 17.67 -24.02
CA CYS A 90 -2.18 16.36 -23.48
C CYS A 90 -1.02 15.61 -22.85
N PHE A 91 0.20 16.15 -22.91
CA PHE A 91 1.34 15.42 -22.35
C PHE A 91 1.22 15.27 -20.85
N VAL A 92 0.74 16.31 -20.16
CA VAL A 92 0.59 16.23 -18.72
C VAL A 92 -0.46 15.19 -18.34
N LEU A 93 -1.41 14.92 -19.23
CA LEU A 93 -2.38 13.86 -18.98
C LEU A 93 -1.72 12.50 -18.90
N VAL A 94 -0.63 12.30 -19.67
CA VAL A 94 0.11 11.05 -19.60
C VAL A 94 0.81 10.92 -18.25
N LEU A 95 1.45 12.01 -17.80
CA LEU A 95 2.19 11.96 -16.54
C LEU A 95 1.24 11.79 -15.36
N THR A 96 0.08 12.44 -15.41
CA THR A 96 -0.89 12.31 -14.31
C THR A 96 -1.48 10.91 -14.27
N GLN A 97 -1.74 10.31 -15.44
CA GLN A 97 -2.29 8.95 -15.46
C GLN A 97 -1.28 7.94 -14.93
N SER A 98 0.00 8.11 -15.27
CA SER A 98 1.04 7.23 -14.75
C SER A 98 1.17 7.37 -13.24
N SER A 99 0.99 8.59 -12.73
CA SER A 99 1.02 8.79 -11.29
C SER A 99 -0.13 8.06 -10.61
N ILE A 100 -1.32 8.09 -11.23
CA ILE A 100 -2.47 7.40 -10.66
C ILE A 100 -2.23 5.90 -10.63
N PHE A 101 -1.66 5.34 -11.70
CA PHE A 101 -1.35 3.92 -11.72
C PHE A 101 -0.29 3.58 -10.69
N SER A 102 0.68 4.46 -10.49
CA SER A 102 1.71 4.21 -9.48
C SER A 102 1.13 4.29 -8.07
N LEU A 103 0.25 5.26 -7.84
CA LEU A 103 -0.40 5.37 -6.54
C LEU A 103 -1.34 4.20 -6.28
N LEU A 104 -2.04 3.73 -7.31
CA LEU A 104 -2.90 2.57 -7.17
C LEU A 104 -2.08 1.31 -6.91
N ALA A 105 -0.91 1.21 -7.55
CA ALA A 105 -0.06 0.04 -7.34
C ALA A 105 0.53 0.02 -5.94
N ILE A 106 0.90 1.18 -5.42
CA ILE A 106 1.40 1.26 -4.05
C ILE A 106 0.31 0.84 -3.06
N ALA A 107 -0.92 1.29 -3.29
CA ALA A 107 -2.03 0.93 -2.40
C ALA A 107 -2.27 -0.57 -2.39
N ILE A 108 -2.33 -1.18 -3.58
CA ILE A 108 -2.57 -2.62 -3.67
C ILE A 108 -1.40 -3.38 -3.06
N ASP A 109 -0.18 -2.92 -3.29
CA ASP A 109 1.00 -3.58 -2.73
C ASP A 109 0.95 -3.60 -1.20
N ARG A 110 0.51 -2.50 -0.59
CA ARG A 110 0.46 -2.45 0.87
C ARG A 110 -0.68 -3.31 1.42
N TYR A 111 -1.77 -3.46 0.66
CA TYR A 111 -2.82 -4.37 1.09
C TYR A 111 -2.34 -5.81 1.09
N ILE A 112 -1.60 -6.21 0.05
CA ILE A 112 -1.04 -7.55 0.01
C ILE A 112 -0.09 -7.76 1.17
N ALA A 113 0.65 -6.71 1.55
CA ALA A 113 1.61 -6.83 2.64
C ALA A 113 0.94 -7.13 3.97
N ILE A 114 -0.26 -6.62 4.20
CA ILE A 114 -0.97 -6.90 5.45
C ILE A 114 -1.91 -8.08 5.33
N ARG A 115 -2.33 -8.44 4.11
CA ARG A 115 -3.27 -9.54 3.92
C ARG A 115 -2.55 -10.88 3.99
N ILE A 116 -1.45 -11.02 3.25
CA ILE A 116 -0.64 -12.24 3.29
C ILE A 116 0.80 -11.87 3.66
N PRO A 117 1.05 -11.44 4.90
CA PRO A 117 2.39 -10.95 5.24
C PRO A 117 3.48 -12.00 5.16
N LEU A 118 3.13 -13.29 5.18
CA LEU A 118 4.14 -14.34 5.06
C LEU A 118 4.44 -14.70 3.61
N ARG A 119 3.45 -14.61 2.72
CA ARG A 119 3.62 -14.96 1.32
C ARG A 119 3.73 -13.73 0.43
N TYR A 120 4.04 -12.57 1.00
CA TYR A 120 4.07 -11.32 0.23
C TYR A 120 5.18 -11.35 -0.82
N ASN A 121 6.38 -11.81 -0.44
CA ASN A 121 7.51 -11.77 -1.35
C ASN A 121 7.44 -12.82 -2.44
N GLY A 122 6.65 -13.88 -2.27
CA GLY A 122 6.51 -14.88 -3.31
C GLY A 122 5.65 -14.43 -4.46
N LEU A 123 4.65 -13.60 -4.18
CA LEU A 123 3.77 -13.07 -5.22
C LEU A 123 4.24 -11.72 -5.73
N VAL A 124 4.69 -10.85 -4.83
CA VAL A 124 5.14 -9.51 -5.18
C VAL A 124 6.64 -9.57 -5.40
N THR A 125 7.05 -9.53 -6.67
CA THR A 125 8.46 -9.62 -7.04
C THR A 125 8.87 -8.39 -7.84
N GLY A 126 10.19 -8.18 -7.93
CA GLY A 126 10.70 -7.05 -8.66
C GLY A 126 10.45 -7.15 -10.16
N THR A 127 10.62 -8.36 -10.71
CA THR A 127 10.37 -8.56 -12.14
C THR A 127 8.91 -8.28 -12.48
N ARG A 128 7.98 -8.76 -11.65
CA ARG A 128 6.57 -8.49 -11.89
C ARG A 128 6.26 -6.99 -11.78
N ALA A 129 6.91 -6.31 -10.84
CA ALA A 129 6.68 -4.88 -10.68
C ALA A 129 7.15 -4.09 -11.89
N LYS A 130 8.34 -4.44 -12.42
CA LYS A 130 8.85 -3.74 -13.61
C LYS A 130 7.95 -3.98 -14.81
N GLY A 131 7.36 -5.18 -14.92
CA GLY A 131 6.42 -5.42 -16.00
C GLY A 131 5.15 -4.62 -15.84
N ILE A 132 4.65 -4.51 -14.61
CA ILE A 132 3.46 -3.70 -14.37
C ILE A 132 3.74 -2.23 -14.64
N ILE A 133 4.92 -1.74 -14.26
CA ILE A 133 5.28 -0.35 -14.48
C ILE A 133 5.37 -0.06 -15.98
N ALA A 134 6.02 -0.95 -16.73
CA ALA A 134 6.13 -0.75 -18.17
C ALA A 134 4.76 -0.77 -18.84
N ILE A 135 3.88 -1.67 -18.40
CA ILE A 135 2.54 -1.73 -18.97
C ILE A 135 1.76 -0.46 -18.65
N CYS A 136 1.83 -0.01 -17.39
CA CYS A 136 1.09 1.18 -16.99
C CYS A 136 1.56 2.43 -17.72
N TRP A 137 2.85 2.51 -18.03
CA TRP A 137 3.35 3.65 -18.80
C TRP A 137 2.82 3.62 -20.23
N VAL A 138 2.69 2.42 -20.81
CA VAL A 138 2.09 2.30 -22.13
C VAL A 138 0.61 2.70 -22.07
N LEU A 139 -0.10 2.23 -21.04
CA LEU A 139 -1.51 2.58 -20.89
C LEU A 139 -1.68 4.08 -20.62
N SER A 140 -0.73 4.71 -19.95
CA SER A 140 -0.83 6.14 -19.66
C SER A 140 -0.69 6.97 -20.93
N PHE A 141 0.17 6.54 -21.85
CA PHE A 141 0.30 7.26 -23.12
C PHE A 141 -0.95 7.07 -23.96
N ALA A 142 -1.52 5.87 -23.97
CA ALA A 142 -2.74 5.64 -24.72
C ALA A 142 -3.90 6.45 -24.15
N ILE A 143 -3.98 6.56 -22.83
CA ILE A 143 -5.05 7.32 -22.19
C ILE A 143 -4.80 8.82 -22.30
N GLY A 144 -3.57 9.25 -21.99
CA GLY A 144 -3.26 10.66 -22.00
C GLY A 144 -3.29 11.28 -23.39
N LEU A 145 -2.87 10.51 -24.40
CA LEU A 145 -2.81 11.01 -25.77
C LEU A 145 -4.00 10.54 -26.60
N THR A 146 -5.08 10.10 -25.94
CA THR A 146 -6.30 9.75 -26.65
C THR A 146 -6.82 10.87 -27.55
N PRO A 147 -6.80 12.16 -27.15
CA PRO A 147 -7.26 13.20 -28.09
C PRO A 147 -6.49 13.24 -29.40
N MET A 148 -5.22 12.81 -29.41
CA MET A 148 -4.46 12.84 -30.65
C MET A 148 -4.92 11.79 -31.66
N LEU A 149 -5.55 10.72 -31.19
CA LEU A 149 -6.00 9.64 -32.06
C LEU A 149 -7.37 9.89 -32.69
N GLY A 150 -7.90 11.11 -32.55
CA GLY A 150 -9.16 11.45 -33.19
C GLY A 150 -10.14 12.20 -32.32
N TRP A 151 -10.07 11.98 -31.00
CA TRP A 151 -11.01 12.58 -30.05
C TRP A 151 -10.53 13.99 -29.68
N ASN A 152 -10.61 14.88 -30.66
CA ASN A 152 -10.16 16.26 -30.48
C ASN A 152 -11.15 17.20 -31.16
N ASN A 153 -10.95 18.50 -30.93
CA ASN A 153 -11.82 19.54 -31.44
C ASN A 153 -11.18 20.38 -32.54
N CYS A 154 -9.95 20.06 -32.95
CA CYS A 154 -9.27 20.79 -34.01
C CYS A 154 -9.17 19.99 -35.30
N GLY A 155 -10.02 18.98 -35.48
CA GLY A 155 -9.98 18.18 -36.68
C GLY A 155 -11.18 18.41 -37.57
N GLN A 156 -12.04 19.35 -37.19
CA GLN A 156 -13.25 19.71 -37.89
C GLN A 156 -13.11 21.07 -38.55
N PRO A 157 -13.57 21.24 -39.79
CA PRO A 157 -13.44 22.53 -40.45
C PRO A 157 -14.39 23.57 -39.88
N LYS A 158 -13.94 24.82 -39.88
CA LYS A 158 -14.73 25.93 -39.38
C LYS A 158 -14.22 27.26 -39.93
N SER A 164 -8.71 28.42 -34.06
CA SER A 164 -9.80 29.38 -34.19
C SER A 164 -9.53 30.37 -35.32
N GLN A 165 -10.40 31.37 -35.45
CA GLN A 165 -10.21 32.40 -36.45
C GLN A 165 -9.08 33.34 -36.05
N GLY A 166 -8.36 33.84 -37.04
CA GLY A 166 -7.17 34.62 -36.80
C GLY A 166 -5.89 33.80 -36.69
N CYS A 167 -5.94 32.53 -37.07
CA CYS A 167 -4.77 31.67 -37.03
C CYS A 167 -4.44 31.04 -38.39
N GLY A 168 -5.30 31.19 -39.38
CA GLY A 168 -5.08 30.55 -40.67
C GLY A 168 -5.49 29.10 -40.65
N GLU A 169 -5.94 28.58 -41.79
CA GLU A 169 -6.38 27.19 -41.86
C GLU A 169 -5.21 26.24 -41.59
N GLY A 170 -5.54 25.03 -41.16
CA GLY A 170 -4.53 24.09 -40.71
C GLY A 170 -3.87 24.46 -39.40
N GLN A 171 -4.23 25.58 -38.80
CA GLN A 171 -3.68 26.04 -37.54
C GLN A 171 -4.82 26.48 -36.63
N VAL A 172 -4.71 26.16 -35.35
CA VAL A 172 -5.72 26.51 -34.36
C VAL A 172 -5.05 27.24 -33.21
N ALA A 173 -5.86 27.97 -32.45
CA ALA A 173 -5.40 28.67 -31.26
C ALA A 173 -5.20 27.65 -30.15
N CYS A 174 -3.93 27.46 -29.73
CA CYS A 174 -3.59 26.39 -28.80
C CYS A 174 -4.00 26.79 -27.38
N LEU A 175 -5.26 26.51 -27.07
CA LEU A 175 -5.80 26.64 -25.73
C LEU A 175 -6.31 25.27 -25.29
N PHE A 176 -6.05 24.93 -24.02
CA PHE A 176 -6.39 23.60 -23.52
C PHE A 176 -7.88 23.30 -23.68
N GLU A 177 -8.73 24.23 -23.24
CA GLU A 177 -10.17 24.01 -23.32
C GLU A 177 -10.71 24.15 -24.74
N ASP A 178 -9.89 24.62 -25.69
CA ASP A 178 -10.32 24.73 -27.08
C ASP A 178 -10.04 23.47 -27.88
N VAL A 179 -8.96 22.76 -27.57
CA VAL A 179 -8.54 21.61 -28.36
C VAL A 179 -8.86 20.28 -27.67
N VAL A 180 -8.86 20.23 -26.34
CA VAL A 180 -9.12 18.99 -25.61
C VAL A 180 -10.62 18.93 -25.31
N PRO A 181 -11.33 17.92 -25.83
CA PRO A 181 -12.78 17.88 -25.61
C PRO A 181 -13.12 17.77 -24.13
N MET A 182 -14.20 18.45 -23.74
CA MET A 182 -14.61 18.47 -22.34
C MET A 182 -15.24 17.15 -21.91
N ASN A 183 -15.93 16.47 -22.82
CA ASN A 183 -16.52 15.18 -22.48
C ASN A 183 -15.44 14.13 -22.21
N TYR A 184 -14.29 14.25 -22.88
CA TYR A 184 -13.15 13.42 -22.53
C TYR A 184 -12.62 13.77 -21.14
N MET A 185 -12.52 15.08 -20.85
CA MET A 185 -11.96 15.52 -19.58
C MET A 185 -12.84 15.16 -18.38
N VAL A 186 -14.13 14.95 -18.60
CA VAL A 186 -15.07 14.67 -17.52
C VAL A 186 -15.41 13.18 -17.45
N TYR A 187 -15.87 12.61 -18.55
CA TYR A 187 -16.31 11.21 -18.53
C TYR A 187 -15.12 10.26 -18.52
N PHE A 188 -14.27 10.34 -19.55
CA PHE A 188 -13.18 9.37 -19.68
C PHE A 188 -12.08 9.63 -18.65
N ASN A 189 -11.56 10.86 -18.60
CA ASN A 189 -10.43 11.15 -17.74
C ASN A 189 -10.85 11.23 -16.28
N PHE A 190 -11.74 12.16 -15.94
CA PHE A 190 -12.08 12.38 -14.54
C PHE A 190 -12.82 11.17 -13.94
N PHE A 191 -13.98 10.84 -14.51
CA PHE A 191 -14.84 9.84 -13.88
C PHE A 191 -14.19 8.46 -13.92
N ALA A 192 -13.73 8.03 -15.09
CA ALA A 192 -13.23 6.66 -15.23
C ALA A 192 -11.78 6.53 -14.81
N CYS A 193 -10.93 7.47 -15.22
CA CYS A 193 -9.49 7.32 -15.05
C CYS A 193 -8.94 7.98 -13.79
N VAL A 194 -9.73 8.82 -13.11
CA VAL A 194 -9.22 9.48 -11.91
C VAL A 194 -10.10 9.17 -10.72
N LEU A 195 -11.40 9.45 -10.83
CA LEU A 195 -12.29 9.28 -9.68
C LEU A 195 -12.39 7.83 -9.25
N VAL A 196 -12.58 6.92 -10.21
CA VAL A 196 -12.70 5.51 -9.89
C VAL A 196 -11.43 4.96 -9.25
N PRO A 197 -10.23 5.21 -9.78
CA PRO A 197 -9.02 4.76 -9.06
C PRO A 197 -8.86 5.42 -7.69
N LEU A 198 -9.22 6.69 -7.56
CA LEU A 198 -9.11 7.37 -6.27
C LEU A 198 -10.04 6.74 -5.24
N LEU A 199 -11.25 6.36 -5.66
CA LEU A 199 -12.17 5.70 -4.74
C LEU A 199 -11.72 4.29 -4.42
N LEU A 200 -11.13 3.59 -5.40
CA LEU A 200 -10.57 2.28 -5.14
C LEU A 200 -9.40 2.37 -4.18
N MET A 201 -8.55 3.39 -4.34
CA MET A 201 -7.46 3.60 -3.40
C MET A 201 -7.98 3.93 -2.00
N LEU A 202 -9.09 4.65 -1.93
CA LEU A 202 -9.69 4.96 -0.63
C LEU A 202 -10.16 3.69 0.07
N GLY A 203 -10.84 2.81 -0.66
CA GLY A 203 -11.32 1.58 -0.07
C GLY A 203 -10.21 0.62 0.30
N VAL A 204 -9.13 0.61 -0.49
CA VAL A 204 -8.00 -0.28 -0.19
C VAL A 204 -7.30 0.19 1.09
N TYR A 205 -7.05 1.49 1.21
CA TYR A 205 -6.39 2.00 2.40
C TYR A 205 -7.28 1.88 3.63
N LEU A 206 -8.58 2.09 3.46
CA LEU A 206 -9.52 1.82 4.54
C LEU A 206 -9.43 0.37 4.99
N ARG A 207 -9.43 -0.55 4.03
CA ARG A 207 -9.35 -1.97 4.34
C ARG A 207 -8.02 -2.32 5.00
N ILE A 208 -6.95 -1.59 4.67
CA ILE A 208 -5.67 -1.80 5.33
C ILE A 208 -5.74 -1.33 6.78
N PHE A 209 -6.31 -0.16 7.01
CA PHE A 209 -6.36 0.39 8.36
C PHE A 209 -7.28 -0.43 9.26
N LEU A 210 -8.37 -0.95 8.71
CA LEU A 210 -9.28 -1.76 9.51
C LEU A 210 -8.64 -3.09 9.92
N ALA A 211 -7.85 -3.68 9.03
CA ALA A 211 -7.19 -4.94 9.35
C ALA A 211 -6.16 -4.77 10.47
N ALA A 212 -5.49 -3.62 10.53
CA ALA A 212 -4.59 -3.35 11.64
C ALA A 212 -5.34 -3.07 12.93
N ARG A 213 -6.57 -2.58 12.82
CA ARG A 213 -7.41 -2.30 13.98
C ARG A 213 -8.34 -3.47 14.31
N ARG A 214 -8.03 -4.67 13.80
CA ARG A 214 -8.87 -5.83 14.08
C ARG A 214 -8.79 -6.20 15.56
N GLN A 215 -9.86 -6.82 16.05
CA GLN A 215 -9.86 -7.30 17.42
C GLN A 215 -8.91 -8.47 17.57
N LEU A 216 -8.10 -8.45 18.62
CA LEU A 216 -7.12 -9.50 18.86
C LEU A 216 -7.70 -10.56 19.79
N ASN A 217 -7.39 -11.81 19.49
CA ASN A 217 -7.87 -12.95 20.27
C ASN A 217 -6.89 -14.11 20.04
N ILE A 218 -7.24 -15.28 20.59
CA ILE A 218 -6.37 -16.45 20.44
C ILE A 218 -6.25 -16.86 18.97
N PHE A 219 -7.34 -16.69 18.20
CA PHE A 219 -7.29 -17.01 16.78
C PHE A 219 -6.34 -16.07 16.03
N GLU A 220 -6.43 -14.77 16.33
CA GLU A 220 -5.54 -13.81 15.66
C GLU A 220 -4.11 -13.94 16.15
N MET A 221 -3.92 -14.33 17.42
CA MET A 221 -2.57 -14.50 17.94
C MET A 221 -1.85 -15.63 17.25
N LEU A 222 -2.52 -16.78 17.11
CA LEU A 222 -1.91 -17.92 16.42
C LEU A 222 -1.80 -17.67 14.93
N ARG A 223 -2.72 -16.89 14.36
CA ARG A 223 -2.61 -16.50 12.96
C ARG A 223 -1.35 -15.69 12.70
N ILE A 224 -0.94 -14.88 13.68
CA ILE A 224 0.31 -14.13 13.54
C ILE A 224 1.51 -15.06 13.74
N ASP A 225 1.38 -16.03 14.65
CA ASP A 225 2.50 -16.90 14.98
C ASP A 225 2.63 -18.06 14.00
N GLU A 226 1.52 -18.61 13.53
CA GLU A 226 1.55 -19.80 12.69
C GLU A 226 0.89 -19.62 11.33
N GLY A 227 0.36 -18.44 11.03
CA GLY A 227 -0.22 -18.18 9.73
C GLY A 227 -1.65 -18.68 9.60
N LEU A 228 -2.33 -18.14 8.59
CA LEU A 228 -3.70 -18.55 8.25
C LEU A 228 -3.77 -18.82 6.76
N ARG A 229 -4.12 -20.05 6.40
CA ARG A 229 -4.19 -20.47 5.01
C ARG A 229 -5.56 -21.06 4.74
N LEU A 230 -6.27 -20.50 3.77
CA LEU A 230 -7.59 -21.00 3.38
C LEU A 230 -7.51 -22.03 2.27
N LYS A 231 -6.33 -22.29 1.72
CA LYS A 231 -6.12 -23.33 0.72
C LYS A 231 -5.15 -24.36 1.27
N ILE A 232 -5.38 -25.63 0.91
CA ILE A 232 -4.54 -26.71 1.41
C ILE A 232 -3.11 -26.51 0.91
N TYR A 233 -2.15 -26.66 1.82
CA TYR A 233 -0.74 -26.47 1.52
C TYR A 233 0.07 -27.56 2.22
N LYS A 234 1.33 -27.66 1.84
CA LYS A 234 2.27 -28.61 2.44
C LYS A 234 3.12 -27.88 3.46
N ASP A 235 3.25 -28.47 4.65
CA ASP A 235 4.04 -27.84 5.71
C ASP A 235 5.52 -28.12 5.53
N THR A 236 6.31 -27.92 6.59
CA THR A 236 7.74 -28.15 6.50
C THR A 236 8.07 -29.64 6.29
N GLU A 237 7.21 -30.52 6.76
CA GLU A 237 7.40 -31.96 6.61
C GLU A 237 6.67 -32.52 5.39
N GLY A 238 6.15 -31.66 4.53
CA GLY A 238 5.44 -32.11 3.35
C GLY A 238 4.04 -32.62 3.58
N TYR A 239 3.48 -32.40 4.76
CA TYR A 239 2.14 -32.87 5.07
C TYR A 239 1.11 -31.78 4.79
N TYR A 240 -0.09 -32.21 4.39
CA TYR A 240 -1.13 -31.28 3.99
C TYR A 240 -1.76 -30.63 5.21
N THR A 241 -1.91 -29.31 5.14
CA THR A 241 -2.36 -28.50 6.27
C THR A 241 -3.39 -27.49 5.77
N ILE A 242 -4.20 -27.00 6.70
CA ILE A 242 -5.23 -26.02 6.39
C ILE A 242 -5.44 -25.13 7.61
N GLY A 243 -5.92 -23.91 7.38
CA GLY A 243 -6.26 -23.03 8.48
C GLY A 243 -5.01 -22.60 9.24
N ILE A 244 -5.09 -22.67 10.57
CA ILE A 244 -3.96 -22.32 11.42
C ILE A 244 -3.27 -23.60 11.89
N GLY A 245 -2.37 -24.12 11.06
CA GLY A 245 -1.58 -25.28 11.44
C GLY A 245 -2.39 -26.53 11.71
N HIS A 246 -3.55 -26.68 11.07
CA HIS A 246 -4.41 -27.85 11.27
C HIS A 246 -3.98 -28.93 10.30
N LEU A 247 -3.28 -29.95 10.81
CA LEU A 247 -2.85 -31.06 9.99
C LEU A 247 -4.07 -31.84 9.49
N LEU A 248 -4.05 -32.20 8.21
CA LEU A 248 -5.13 -32.96 7.60
C LEU A 248 -4.80 -34.43 7.45
N THR A 249 -3.66 -34.76 6.84
CA THR A 249 -3.26 -36.15 6.68
C THR A 249 -1.77 -36.23 6.45
N LYS A 250 -1.19 -37.36 6.85
CA LYS A 250 0.18 -37.69 6.52
C LYS A 250 0.30 -38.32 5.14
N SER A 251 -0.83 -38.69 4.53
CA SER A 251 -0.82 -39.33 3.22
C SER A 251 -0.35 -38.36 2.15
N PRO A 252 0.39 -38.88 1.13
CA PRO A 252 0.86 -38.05 0.02
C PRO A 252 -0.18 -37.89 -1.09
N SER A 253 -1.42 -37.63 -0.70
CA SER A 253 -2.53 -37.46 -1.64
C SER A 253 -3.34 -36.24 -1.22
N LEU A 254 -3.38 -35.24 -2.09
CA LEU A 254 -4.22 -34.08 -1.83
C LEU A 254 -5.69 -34.47 -1.76
N ASN A 255 -6.10 -35.48 -2.52
CA ASN A 255 -7.48 -35.97 -2.45
C ASN A 255 -7.79 -36.52 -1.06
N ALA A 256 -6.83 -37.23 -0.46
CA ALA A 256 -7.03 -37.73 0.89
C ALA A 256 -7.14 -36.59 1.89
N ALA A 257 -6.36 -35.53 1.67
CA ALA A 257 -6.45 -34.37 2.56
C ALA A 257 -7.79 -33.66 2.41
N LYS A 258 -8.28 -33.53 1.17
CA LYS A 258 -9.57 -32.89 0.96
C LYS A 258 -10.69 -33.70 1.59
N SER A 259 -10.59 -35.04 1.54
CA SER A 259 -11.58 -35.87 2.19
C SER A 259 -11.59 -35.66 3.71
N GLU A 260 -10.41 -35.49 4.30
CA GLU A 260 -10.34 -35.16 5.72
C GLU A 260 -10.87 -33.76 5.98
N LEU A 261 -10.58 -32.81 5.08
CA LEU A 261 -11.07 -31.45 5.24
C LEU A 261 -12.59 -31.41 5.15
N ASP A 262 -13.16 -32.13 4.19
CA ASP A 262 -14.62 -32.14 4.04
C ASP A 262 -15.29 -32.80 5.24
N LYS A 263 -14.63 -33.77 5.88
CA LYS A 263 -15.23 -34.41 7.04
C LYS A 263 -15.25 -33.49 8.25
N ALA A 264 -14.32 -32.54 8.32
CA ALA A 264 -14.26 -31.62 9.45
C ALA A 264 -15.08 -30.36 9.23
N ILE A 265 -15.20 -29.90 7.99
CA ILE A 265 -15.94 -28.67 7.72
C ILE A 265 -17.44 -28.95 7.62
N GLY A 266 -17.80 -30.11 7.07
CA GLY A 266 -19.19 -30.42 6.81
C GLY A 266 -19.67 -30.05 5.43
N ARG A 267 -18.77 -29.61 4.55
CA ARG A 267 -19.11 -29.25 3.18
C ARG A 267 -17.99 -29.71 2.27
N ASN A 268 -18.33 -29.97 1.01
CA ASN A 268 -17.31 -30.28 0.01
C ASN A 268 -16.53 -29.01 -0.30
N THR A 269 -15.25 -29.00 0.05
CA THR A 269 -14.45 -27.78 0.03
C THR A 269 -13.59 -27.63 -1.22
N ASN A 270 -13.20 -28.74 -1.86
CA ASN A 270 -12.20 -28.74 -2.92
C ASN A 270 -10.89 -28.10 -2.44
N GLY A 271 -10.58 -28.27 -1.16
CA GLY A 271 -9.35 -27.76 -0.58
C GLY A 271 -9.37 -26.29 -0.19
N VAL A 272 -10.50 -25.61 -0.32
CA VAL A 272 -10.61 -24.19 -0.01
C VAL A 272 -11.72 -24.00 1.01
N ILE A 273 -11.47 -23.15 2.01
CA ILE A 273 -12.43 -22.87 3.07
C ILE A 273 -12.50 -21.38 3.30
N THR A 274 -13.55 -20.96 4.01
CA THR A 274 -13.70 -19.56 4.39
C THR A 274 -12.99 -19.27 5.69
N LYS A 275 -12.82 -17.98 5.98
CA LYS A 275 -12.15 -17.59 7.22
C LYS A 275 -12.95 -18.03 8.44
N ASP A 276 -14.28 -17.99 8.35
CA ASP A 276 -15.12 -18.43 9.47
C ASP A 276 -14.95 -19.93 9.69
N GLU A 277 -14.82 -20.71 8.62
CA GLU A 277 -14.62 -22.14 8.77
C GLU A 277 -13.25 -22.46 9.34
N ALA A 278 -12.24 -21.67 8.97
CA ALA A 278 -10.92 -21.82 9.59
C ALA A 278 -10.96 -21.43 11.07
N GLU A 279 -11.78 -20.45 11.42
CA GLU A 279 -11.91 -20.07 12.83
C GLU A 279 -12.62 -21.16 13.63
N LYS A 280 -13.67 -21.74 13.07
CA LYS A 280 -14.37 -22.83 13.75
C LYS A 280 -13.47 -24.06 13.86
N LEU A 281 -12.69 -24.34 12.82
CA LEU A 281 -11.73 -25.45 12.89
C LEU A 281 -10.68 -25.18 13.95
N PHE A 282 -10.17 -23.95 14.03
CA PHE A 282 -9.19 -23.60 15.04
C PHE A 282 -9.79 -23.63 16.44
N ASN A 283 -11.08 -23.29 16.57
CA ASN A 283 -11.72 -23.31 17.87
C ASN A 283 -11.82 -24.74 18.42
N GLN A 284 -12.04 -25.72 17.54
CA GLN A 284 -12.05 -27.10 17.97
C GLN A 284 -10.66 -27.58 18.36
N ASP A 285 -9.62 -27.06 17.69
CA ASP A 285 -8.25 -27.41 18.06
C ASP A 285 -7.88 -26.85 19.42
N VAL A 286 -8.39 -25.66 19.75
CA VAL A 286 -8.12 -25.08 21.06
C VAL A 286 -8.80 -25.90 22.15
N ASP A 287 -10.03 -26.36 21.89
CA ASP A 287 -10.74 -27.17 22.87
C ASP A 287 -9.99 -28.47 23.17
N ALA A 288 -9.40 -29.07 22.14
CA ALA A 288 -8.61 -30.27 22.36
C ALA A 288 -7.34 -29.98 23.15
N ALA A 289 -6.64 -28.90 22.80
CA ALA A 289 -5.45 -28.52 23.55
C ALA A 289 -5.77 -28.15 24.99
N VAL A 290 -6.93 -27.54 25.23
CA VAL A 290 -7.35 -27.22 26.58
C VAL A 290 -7.71 -28.50 27.33
N ARG A 291 -8.38 -29.43 26.66
CA ARG A 291 -8.72 -30.70 27.29
C ARG A 291 -7.46 -31.48 27.68
N GLY A 292 -6.43 -31.42 26.86
CA GLY A 292 -5.19 -32.09 27.19
C GLY A 292 -4.40 -31.39 28.28
N ILE A 293 -4.53 -30.06 28.37
CA ILE A 293 -3.87 -29.33 29.45
C ILE A 293 -4.50 -29.67 30.79
N LEU A 294 -5.82 -29.75 30.84
CA LEU A 294 -6.51 -29.98 32.11
C LEU A 294 -6.28 -31.39 32.64
N ARG A 295 -6.07 -32.37 31.75
CA ARG A 295 -5.80 -33.74 32.20
C ARG A 295 -4.35 -33.94 32.61
N ASN A 296 -3.48 -32.95 32.40
CA ASN A 296 -2.10 -33.02 32.84
C ASN A 296 -1.99 -32.41 34.24
N ALA A 297 -1.47 -33.18 35.19
CA ALA A 297 -1.39 -32.73 36.57
C ALA A 297 -0.40 -31.59 36.75
N LYS A 298 0.55 -31.43 35.82
CA LYS A 298 1.52 -30.34 35.92
C LYS A 298 0.95 -29.03 35.39
N LEU A 299 0.15 -29.09 34.32
CA LEU A 299 -0.31 -27.89 33.63
C LEU A 299 -1.63 -27.36 34.16
N LYS A 300 -2.50 -28.23 34.67
CA LYS A 300 -3.82 -27.78 35.10
C LYS A 300 -3.78 -26.73 36.21
N PRO A 301 -2.99 -26.87 37.28
CA PRO A 301 -2.97 -25.81 38.29
C PRO A 301 -2.52 -24.46 37.76
N VAL A 302 -1.55 -24.43 36.85
CA VAL A 302 -1.11 -23.17 36.27
C VAL A 302 -2.19 -22.58 35.37
N TYR A 303 -2.75 -23.41 34.50
CA TYR A 303 -3.79 -22.94 33.58
C TYR A 303 -5.00 -22.41 34.34
N ASP A 304 -5.37 -23.06 35.43
CA ASP A 304 -6.51 -22.60 36.24
C ASP A 304 -6.24 -21.24 36.87
N SER A 305 -4.98 -20.93 37.17
CA SER A 305 -4.64 -19.68 37.83
C SER A 305 -4.51 -18.51 36.86
N LEU A 306 -4.37 -18.78 35.57
CA LEU A 306 -4.08 -17.72 34.61
C LEU A 306 -5.36 -17.03 34.13
N ASP A 307 -5.22 -15.78 33.72
CA ASP A 307 -6.31 -15.05 33.11
C ASP A 307 -6.53 -15.52 31.67
N ALA A 308 -7.57 -15.00 31.03
CA ALA A 308 -7.93 -15.45 29.69
C ALA A 308 -6.79 -15.24 28.69
N VAL A 309 -6.12 -14.09 28.77
CA VAL A 309 -5.06 -13.79 27.82
C VAL A 309 -3.84 -14.67 28.08
N ARG A 310 -3.43 -14.78 29.34
CA ARG A 310 -2.28 -15.61 29.67
C ARG A 310 -2.57 -17.09 29.45
N ARG A 311 -3.83 -17.51 29.49
CA ARG A 311 -4.17 -18.86 29.10
C ARG A 311 -3.95 -19.08 27.61
N ALA A 312 -4.19 -18.06 26.80
CA ALA A 312 -3.94 -18.17 25.37
C ALA A 312 -2.45 -18.28 25.07
N ALA A 313 -1.60 -17.65 25.89
CA ALA A 313 -0.16 -17.78 25.71
C ALA A 313 0.31 -19.20 26.07
N LEU A 314 -0.32 -19.81 27.07
CA LEU A 314 0.02 -21.19 27.41
C LEU A 314 -0.45 -22.15 26.32
N ILE A 315 -1.62 -21.88 25.74
CA ILE A 315 -2.10 -22.70 24.62
C ILE A 315 -1.20 -22.49 23.41
N ASN A 316 -0.71 -21.27 23.20
CA ASN A 316 0.24 -21.01 22.13
C ASN A 316 1.47 -21.89 22.26
N MET A 317 2.00 -22.03 23.47
CA MET A 317 3.15 -22.90 23.69
C MET A 317 2.80 -24.35 23.42
N VAL A 318 1.61 -24.79 23.83
CA VAL A 318 1.20 -26.16 23.61
C VAL A 318 1.07 -26.44 22.11
N PHE A 319 0.54 -25.48 21.35
CA PHE A 319 0.41 -25.67 19.91
C PHE A 319 1.76 -25.79 19.23
N GLN A 320 2.81 -25.20 19.83
CA GLN A 320 4.13 -25.20 19.21
C GLN A 320 4.97 -26.40 19.63
N MET A 321 4.86 -26.83 20.88
CA MET A 321 5.72 -27.90 21.39
C MET A 321 4.98 -29.11 21.94
N GLY A 322 3.71 -28.96 22.32
CA GLY A 322 2.98 -30.06 22.92
C GLY A 322 2.91 -29.94 24.44
N GLU A 323 1.94 -30.65 25.02
CA GLU A 323 1.73 -30.59 26.46
C GLU A 323 2.93 -31.11 27.22
N THR A 324 3.56 -32.18 26.71
CA THR A 324 4.74 -32.73 27.39
C THR A 324 5.89 -31.74 27.37
N GLY A 325 6.09 -31.05 26.25
CA GLY A 325 7.17 -30.09 26.17
C GLY A 325 6.96 -28.89 27.08
N VAL A 326 5.71 -28.44 27.23
CA VAL A 326 5.43 -27.32 28.11
C VAL A 326 5.55 -27.74 29.56
N ALA A 327 5.16 -28.98 29.88
CA ALA A 327 5.24 -29.48 31.25
C ALA A 327 6.67 -29.55 31.76
N GLY A 328 7.66 -29.57 30.86
CA GLY A 328 9.06 -29.52 31.22
C GLY A 328 9.55 -28.19 31.74
N PHE A 329 8.73 -27.15 31.68
CA PHE A 329 9.10 -25.83 32.20
C PHE A 329 8.68 -25.70 33.67
N THR A 330 9.19 -26.63 34.48
CA THR A 330 8.74 -26.74 35.87
C THR A 330 8.96 -25.44 36.64
N ASN A 331 10.11 -24.79 36.44
CA ASN A 331 10.41 -23.57 37.18
C ASN A 331 9.58 -22.40 36.66
N SER A 332 9.43 -22.29 35.34
CA SER A 332 8.64 -21.18 34.79
C SER A 332 7.16 -21.36 35.08
N LEU A 333 6.66 -22.61 35.09
CA LEU A 333 5.25 -22.84 35.34
C LEU A 333 4.88 -22.45 36.77
N ARG A 334 5.77 -22.73 37.74
CA ARG A 334 5.47 -22.38 39.13
C ARG A 334 5.46 -20.88 39.33
N MET A 335 6.40 -20.16 38.69
CA MET A 335 6.41 -18.71 38.80
C MET A 335 5.22 -18.08 38.07
N LEU A 336 4.77 -18.70 36.97
CA LEU A 336 3.54 -18.25 36.33
C LEU A 336 2.34 -18.46 37.25
N GLN A 337 2.28 -19.60 37.93
CA GLN A 337 1.20 -19.85 38.87
C GLN A 337 1.27 -18.92 40.07
N GLN A 338 2.48 -18.53 40.47
CA GLN A 338 2.68 -17.58 41.56
C GLN A 338 2.54 -16.13 41.10
N LYS A 339 2.09 -15.90 39.87
CA LYS A 339 1.90 -14.56 39.32
C LYS A 339 3.19 -13.74 39.32
N ARG A 340 4.33 -14.42 39.27
CA ARG A 340 5.63 -13.75 39.14
C ARG A 340 5.95 -13.64 37.65
N TRP A 341 5.31 -12.65 37.01
CA TRP A 341 5.39 -12.54 35.57
C TRP A 341 6.80 -12.19 35.11
N ASP A 342 7.42 -11.19 35.73
CA ASP A 342 8.76 -10.77 35.30
C ASP A 342 9.78 -11.87 35.55
N GLU A 343 9.65 -12.60 36.66
CA GLU A 343 10.56 -13.71 36.92
C GLU A 343 10.35 -14.84 35.92
N ALA A 344 9.09 -15.13 35.57
CA ALA A 344 8.81 -16.14 34.57
C ALA A 344 9.33 -15.73 33.19
N ALA A 345 9.35 -14.43 32.91
CA ALA A 345 9.84 -13.96 31.62
C ALA A 345 11.33 -14.21 31.47
N VAL A 346 12.12 -13.91 32.53
CA VAL A 346 13.55 -14.11 32.46
C VAL A 346 13.90 -15.58 32.33
N ASN A 347 13.16 -16.45 33.02
CA ASN A 347 13.43 -17.88 32.95
C ASN A 347 13.09 -18.44 31.58
N LEU A 348 11.95 -18.04 31.02
CA LEU A 348 11.54 -18.55 29.72
C LEU A 348 12.46 -18.06 28.61
N ALA A 349 13.09 -16.90 28.78
CA ALA A 349 13.98 -16.37 27.77
C ALA A 349 15.31 -17.13 27.71
N LYS A 350 15.67 -17.84 28.78
CA LYS A 350 16.89 -18.62 28.84
C LYS A 350 16.69 -20.08 28.44
N SER A 351 15.66 -20.37 27.65
CA SER A 351 15.31 -21.73 27.27
C SER A 351 15.67 -22.01 25.82
N ARG A 352 15.76 -23.30 25.49
CA ARG A 352 16.00 -23.70 24.11
C ARG A 352 14.86 -23.24 23.20
N TRP A 353 13.65 -23.12 23.74
CA TRP A 353 12.52 -22.65 22.96
C TRP A 353 12.72 -21.21 22.51
N TYR A 354 13.32 -20.38 23.37
CA TYR A 354 13.58 -19.00 22.99
C TYR A 354 14.67 -18.93 21.91
N ASN A 355 15.70 -19.76 22.01
CA ASN A 355 16.78 -19.69 21.05
C ASN A 355 16.35 -20.18 19.67
N GLN A 356 15.43 -21.14 19.61
CA GLN A 356 15.02 -21.70 18.32
C GLN A 356 14.11 -20.73 17.58
N THR A 357 13.11 -20.17 18.27
CA THR A 357 12.17 -19.21 17.69
C THR A 357 12.04 -18.02 18.61
N PRO A 358 13.00 -17.09 18.57
CA PRO A 358 12.96 -15.96 19.52
C PRO A 358 11.83 -14.99 19.26
N ASN A 359 11.46 -14.76 18.00
CA ASN A 359 10.41 -13.79 17.70
C ASN A 359 9.07 -14.25 18.25
N ARG A 360 8.71 -15.50 17.99
CA ARG A 360 7.47 -16.03 18.55
C ARG A 360 7.54 -16.13 20.07
N ALA A 361 8.70 -16.52 20.61
CA ALA A 361 8.83 -16.66 22.06
C ALA A 361 8.75 -15.30 22.75
N LYS A 362 9.36 -14.27 22.16
CA LYS A 362 9.29 -12.94 22.76
C LYS A 362 7.85 -12.43 22.79
N ARG A 363 7.07 -12.71 21.75
CA ARG A 363 5.67 -12.29 21.75
C ARG A 363 4.87 -13.06 22.80
N VAL A 364 5.16 -14.35 22.97
CA VAL A 364 4.46 -15.14 23.97
C VAL A 364 4.90 -14.75 25.37
N ILE A 365 6.20 -14.52 25.55
CA ILE A 365 6.71 -14.12 26.87
C ILE A 365 6.16 -12.76 27.27
N THR A 366 6.07 -11.83 26.31
CA THR A 366 5.48 -10.53 26.59
C THR A 366 4.01 -10.68 27.00
N THR A 367 3.28 -11.60 26.37
CA THR A 367 1.91 -11.88 26.77
C THR A 367 1.84 -12.33 28.22
N PHE A 368 2.79 -13.16 28.66
CA PHE A 368 2.82 -13.60 30.05
C PHE A 368 3.10 -12.44 31.00
N ARG A 369 3.98 -11.52 30.58
CA ARG A 369 4.36 -10.41 31.45
C ARG A 369 3.20 -9.43 31.63
N THR A 370 2.55 -9.05 30.53
CA THR A 370 1.54 -8.00 30.54
C THR A 370 0.11 -8.51 30.67
N GLY A 371 -0.17 -9.72 30.18
CA GLY A 371 -1.54 -10.17 30.13
C GLY A 371 -2.38 -9.48 29.08
N THR A 372 -1.74 -8.85 28.10
CA THR A 372 -2.41 -8.15 27.02
C THR A 372 -1.95 -8.70 25.68
N TRP A 373 -2.59 -8.22 24.62
CA TRP A 373 -2.23 -8.59 23.25
C TRP A 373 -1.25 -7.61 22.62
N ASP A 374 -0.49 -6.87 23.44
CA ASP A 374 0.30 -5.77 22.93
C ASP A 374 1.36 -6.23 21.94
N ALA A 375 1.95 -7.40 22.17
CA ALA A 375 3.01 -7.89 21.28
C ALA A 375 2.48 -8.19 19.89
N TYR A 376 1.22 -8.63 19.80
CA TYR A 376 0.62 -8.93 18.50
C TYR A 376 -0.05 -7.71 17.88
N ARG A 377 -0.53 -6.78 18.70
CA ARG A 377 -0.99 -5.50 18.17
C ARG A 377 0.17 -4.71 17.57
N SER A 378 1.31 -4.67 18.27
CA SER A 378 2.48 -4.00 17.74
C SER A 378 2.96 -4.64 16.44
N THR A 379 2.78 -5.96 16.30
CA THR A 379 3.11 -6.60 15.03
C THR A 379 2.23 -6.08 13.90
N LEU A 380 0.94 -5.88 14.16
CA LEU A 380 0.04 -5.35 13.15
C LEU A 380 0.33 -3.89 12.86
N GLN A 381 0.64 -3.11 13.89
CA GLN A 381 0.93 -1.69 13.69
C GLN A 381 2.19 -1.48 12.86
N LYS A 382 3.19 -2.36 13.03
CA LYS A 382 4.42 -2.22 12.26
C LYS A 382 4.20 -2.47 10.78
N GLU A 383 3.24 -3.34 10.43
CA GLU A 383 2.98 -3.68 9.04
C GLU A 383 2.26 -2.57 8.28
N VAL A 384 1.65 -1.62 8.97
CA VAL A 384 0.84 -0.59 8.32
C VAL A 384 1.41 0.81 8.48
N HIS A 385 2.51 0.97 9.23
CA HIS A 385 3.04 2.31 9.47
C HIS A 385 3.48 2.97 8.17
N ALA A 386 4.01 2.19 7.23
CA ALA A 386 4.37 2.74 5.93
C ALA A 386 3.12 3.11 5.12
N ALA A 387 2.01 2.41 5.34
CA ALA A 387 0.80 2.70 4.60
C ALA A 387 0.20 4.05 4.97
N LYS A 388 0.40 4.49 6.23
CA LYS A 388 -0.14 5.77 6.65
C LYS A 388 0.54 6.93 5.92
N SER A 389 1.86 6.84 5.73
CA SER A 389 2.56 7.90 5.01
C SER A 389 2.21 7.89 3.53
N LEU A 390 2.14 6.71 2.92
CA LEU A 390 1.81 6.62 1.51
C LEU A 390 0.35 7.01 1.24
N ALA A 391 -0.53 6.81 2.23
CA ALA A 391 -1.91 7.25 2.08
C ALA A 391 -2.02 8.77 2.10
N ILE A 392 -1.10 9.45 2.80
CA ILE A 392 -1.09 10.90 2.80
C ILE A 392 -0.80 11.41 1.39
N ILE A 393 0.08 10.72 0.66
CA ILE A 393 0.42 11.14 -0.69
C ILE A 393 -0.79 11.08 -1.60
N VAL A 394 -1.62 10.05 -1.44
CA VAL A 394 -2.83 9.94 -2.27
C VAL A 394 -3.80 11.08 -1.95
N GLY A 395 -3.99 11.37 -0.66
CA GLY A 395 -4.86 12.48 -0.29
C GLY A 395 -4.36 13.81 -0.80
N LEU A 396 -3.05 14.00 -0.81
CA LEU A 396 -2.48 15.22 -1.37
C LEU A 396 -2.71 15.27 -2.87
N PHE A 397 -2.61 14.13 -3.55
CA PHE A 397 -2.92 14.08 -4.98
C PHE A 397 -4.37 14.47 -5.23
N ALA A 398 -5.29 13.91 -4.45
CA ALA A 398 -6.70 14.26 -4.61
C ALA A 398 -6.94 15.73 -4.31
N LEU A 399 -6.33 16.23 -3.23
CA LEU A 399 -6.52 17.63 -2.85
C LEU A 399 -5.97 18.58 -3.90
N CYS A 400 -4.90 18.19 -4.60
CA CYS A 400 -4.26 19.07 -5.57
C CYS A 400 -4.92 19.04 -6.93
N TRP A 401 -5.63 17.96 -7.28
CA TRP A 401 -6.19 17.80 -8.62
C TRP A 401 -7.69 17.96 -8.68
N LEU A 402 -8.41 17.64 -7.60
CA LEU A 402 -9.87 17.71 -7.65
C LEU A 402 -10.42 19.10 -7.94
N PRO A 403 -9.83 20.21 -7.46
CA PRO A 403 -10.34 21.53 -7.87
C PRO A 403 -10.43 21.71 -9.38
N LEU A 404 -9.38 21.33 -10.12
CA LEU A 404 -9.42 21.46 -11.58
C LEU A 404 -10.51 20.58 -12.18
N HIS A 405 -10.65 19.35 -11.68
CA HIS A 405 -11.67 18.45 -12.21
C HIS A 405 -13.07 18.98 -11.94
N ILE A 406 -13.31 19.46 -10.72
CA ILE A 406 -14.63 19.97 -10.37
C ILE A 406 -15.00 21.14 -11.25
N ILE A 407 -14.03 22.02 -11.53
CA ILE A 407 -14.28 23.16 -12.42
C ILE A 407 -14.60 22.68 -13.83
N ASN A 408 -13.82 21.71 -14.34
CA ASN A 408 -14.12 21.13 -15.64
C ASN A 408 -15.53 20.58 -15.70
N CYS A 409 -16.03 20.05 -14.59
CA CYS A 409 -17.41 19.58 -14.53
C CYS A 409 -18.39 20.74 -14.63
N PHE A 410 -18.08 21.86 -13.97
CA PHE A 410 -18.96 23.03 -14.04
C PHE A 410 -19.04 23.57 -15.46
N THR A 411 -17.90 23.69 -16.15
CA THR A 411 -17.92 24.14 -17.54
C THR A 411 -18.67 23.15 -18.43
N PHE A 412 -18.57 21.85 -18.14
CA PHE A 412 -19.20 20.84 -18.97
C PHE A 412 -20.70 20.79 -18.74
N PHE A 413 -21.13 20.63 -17.49
CA PHE A 413 -22.54 20.39 -17.19
C PHE A 413 -23.35 21.67 -17.13
N CYS A 414 -22.72 22.83 -16.94
CA CYS A 414 -23.39 24.13 -16.96
C CYS A 414 -22.72 25.00 -18.02
N PRO A 415 -23.01 24.76 -19.31
CA PRO A 415 -22.36 25.56 -20.35
C PRO A 415 -22.74 27.02 -20.31
N ASP A 416 -24.00 27.34 -20.01
CA ASP A 416 -24.43 28.72 -19.91
C ASP A 416 -23.99 29.40 -18.63
N CYS A 417 -23.43 28.64 -17.69
CA CYS A 417 -22.91 29.23 -16.45
C CYS A 417 -21.72 30.13 -16.76
N SER A 418 -21.49 31.10 -15.89
CA SER A 418 -20.30 31.93 -15.99
C SER A 418 -19.07 31.09 -15.71
N HIS A 419 -18.12 31.12 -16.65
CA HIS A 419 -16.87 30.37 -16.48
C HIS A 419 -16.14 30.84 -15.23
N ALA A 420 -15.41 29.92 -14.61
CA ALA A 420 -14.69 30.24 -13.39
C ALA A 420 -13.70 31.37 -13.65
N PRO A 421 -13.51 32.28 -12.69
CA PRO A 421 -12.67 33.46 -12.95
C PRO A 421 -11.22 33.08 -13.21
N LEU A 422 -10.47 34.05 -13.75
CA LEU A 422 -9.10 33.80 -14.16
C LEU A 422 -8.22 33.42 -12.98
N TRP A 423 -8.37 34.11 -11.84
CA TRP A 423 -7.54 33.84 -10.69
C TRP A 423 -7.76 32.43 -10.15
N LEU A 424 -8.99 31.91 -10.26
CA LEU A 424 -9.23 30.53 -9.85
C LEU A 424 -8.59 29.55 -10.82
N MET A 425 -8.57 29.88 -12.11
CA MET A 425 -7.88 29.04 -13.09
C MET A 425 -6.39 28.97 -12.77
N TYR A 426 -5.77 30.13 -12.52
CA TYR A 426 -4.35 30.16 -12.21
C TYR A 426 -4.06 29.40 -10.92
N LEU A 427 -4.95 29.50 -9.93
CA LEU A 427 -4.73 28.82 -8.67
C LEU A 427 -4.85 27.31 -8.82
N ALA A 428 -5.91 26.84 -9.49
CA ALA A 428 -6.13 25.41 -9.63
C ALA A 428 -5.07 24.76 -10.49
N ILE A 429 -4.62 25.45 -11.54
CA ILE A 429 -3.58 24.88 -12.41
C ILE A 429 -2.24 24.84 -11.67
N VAL A 430 -1.90 25.91 -10.95
CA VAL A 430 -0.65 25.94 -10.20
C VAL A 430 -0.69 24.94 -9.05
N LEU A 431 -1.84 24.83 -8.39
CA LEU A 431 -1.98 23.85 -7.31
C LEU A 431 -1.78 22.43 -7.82
N SER A 432 -2.24 22.15 -9.03
CA SER A 432 -2.01 20.82 -9.62
C SER A 432 -0.53 20.58 -9.87
N HIS A 433 0.19 21.61 -10.31
CA HIS A 433 1.63 21.46 -10.52
C HIS A 433 2.38 21.33 -9.21
N THR A 434 1.85 21.91 -8.13
CA THR A 434 2.52 21.82 -6.83
C THR A 434 2.60 20.38 -6.34
N ASN A 435 1.62 19.54 -6.71
CA ASN A 435 1.63 18.15 -6.29
C ASN A 435 2.90 17.41 -6.72
N SER A 436 3.57 17.88 -7.77
CA SER A 436 4.83 17.29 -8.20
C SER A 436 5.99 17.69 -7.30
N VAL A 437 5.74 18.42 -6.23
CA VAL A 437 6.78 18.83 -5.31
C VAL A 437 6.63 18.20 -3.93
N VAL A 438 5.40 17.83 -3.52
CA VAL A 438 5.15 17.48 -2.13
C VAL A 438 5.68 16.10 -1.76
N ASN A 439 5.74 15.17 -2.72
CA ASN A 439 6.08 13.78 -2.38
C ASN A 439 7.46 13.64 -1.75
N PRO A 440 8.54 14.21 -2.29
CA PRO A 440 9.84 14.07 -1.62
C PRO A 440 9.86 14.65 -0.21
N PHE A 441 9.08 15.70 0.05
CA PHE A 441 9.00 16.24 1.40
C PHE A 441 8.32 15.26 2.34
N ILE A 442 7.31 14.53 1.85
CA ILE A 442 6.64 13.53 2.69
C ILE A 442 7.59 12.41 3.03
N TYR A 443 8.34 11.91 2.05
CA TYR A 443 9.30 10.84 2.30
C TYR A 443 10.33 11.27 3.35
N ALA A 444 10.80 12.51 3.27
CA ALA A 444 11.81 12.98 4.21
C ALA A 444 11.24 13.14 5.62
N TYR A 445 9.95 13.43 5.74
CA TYR A 445 9.36 13.69 7.04
C TYR A 445 8.85 12.45 7.74
N ARG A 446 8.42 11.42 6.99
CA ARG A 446 7.77 10.27 7.59
C ARG A 446 8.52 8.95 7.41
N ILE A 447 9.49 8.87 6.50
CA ILE A 447 10.24 7.65 6.24
C ILE A 447 11.68 7.88 6.67
N ARG A 448 12.12 7.15 7.70
CA ARG A 448 13.46 7.36 8.24
C ARG A 448 14.54 6.96 7.24
N GLU A 449 14.33 5.85 6.52
CA GLU A 449 15.33 5.40 5.56
C GLU A 449 15.47 6.38 4.41
N PHE A 450 14.39 7.03 4.00
CA PHE A 450 14.49 8.06 2.97
C PHE A 450 15.16 9.31 3.53
N ARG A 451 14.82 9.70 4.75
CA ARG A 451 15.38 10.91 5.34
C ARG A 451 16.88 10.75 5.57
N GLN A 452 17.32 9.57 6.01
CA GLN A 452 18.73 9.36 6.28
C GLN A 452 19.55 9.39 4.98
N THR A 453 18.99 8.85 3.89
CA THR A 453 19.70 8.88 2.62
C THR A 453 19.70 10.28 2.02
N PHE A 454 18.61 11.03 2.21
CA PHE A 454 18.58 12.41 1.75
C PHE A 454 19.68 13.23 2.42
N ARG A 455 19.86 13.05 3.73
CA ARG A 455 20.90 13.80 4.45
C ARG A 455 22.28 13.40 3.96
N LYS A 456 22.48 12.11 3.68
CA LYS A 456 23.79 11.65 3.24
C LYS A 456 24.13 12.20 1.85
N ILE A 457 23.16 12.14 0.93
CA ILE A 457 23.40 12.67 -0.42
C ILE A 457 23.65 14.16 -0.37
N ILE A 458 22.87 14.88 0.42
CA ILE A 458 22.99 16.33 0.48
C ILE A 458 24.31 16.73 1.13
N ARG A 459 24.65 16.12 2.27
CA ARG A 459 25.85 16.54 2.99
C ARG A 459 27.12 16.10 2.27
N SER A 460 27.08 15.00 1.52
CA SER A 460 28.28 14.45 0.90
C SER A 460 28.38 14.79 -0.58
N HIS A 461 27.36 14.44 -1.36
CA HIS A 461 27.44 14.61 -2.80
C HIS A 461 27.21 16.06 -3.23
N VAL A 462 26.33 16.78 -2.52
CA VAL A 462 25.98 18.14 -2.91
C VAL A 462 26.89 19.14 -2.21
N LEU A 463 26.78 19.21 -0.88
CA LEU A 463 27.54 20.18 -0.11
C LEU A 463 29.01 19.77 0.07
N ARG A 464 29.38 18.55 -0.33
CA ARG A 464 30.76 18.06 -0.32
C ARG A 464 31.34 17.93 1.08
N GLN A 465 30.65 18.50 2.08
CA GLN A 465 31.10 18.44 3.46
C GLN A 465 30.00 18.94 4.41
C1 OLA B . -17.10 27.59 -10.54
O1 OLA B . -16.60 28.68 -10.20
O2 OLA B . -17.60 27.48 -11.68
C2 OLA B . -17.11 26.41 -9.59
C3 OLA B . -15.99 26.58 -8.57
C4 OLA B . -15.40 25.23 -8.16
C5 OLA B . -14.33 25.41 -7.09
C6 OLA B . -13.53 24.14 -6.88
C7 OLA B . -13.86 23.50 -5.53
C8 OLA B . -12.68 22.69 -5.01
C9 OLA B . -12.81 22.54 -3.51
C1 OLA C . 12.39 0.82 -11.42
O1 OLA C . 12.77 -0.30 -11.02
O2 OLA C . 12.53 1.81 -10.68
C2 OLA C . 11.73 0.96 -12.78
C3 OLA C . 10.97 2.28 -12.84
C4 OLA C . 11.83 3.37 -13.44
C5 OLA C . 11.04 4.64 -13.67
C6 OLA C . 10.15 4.52 -14.90
C7 OLA C . 10.95 4.85 -16.15
C8 OLA C . 10.67 6.27 -16.63
C9 OLA C . 9.25 6.31 -17.16
C10 OLA C . 8.89 7.16 -18.30
C11 OLA C . 9.31 8.61 -18.37
C12 OLA C . 8.74 9.21 -19.65
C13 OLA C . 9.01 10.71 -19.71
C1 OLA D . 16.57 4.72 -10.71
O1 OLA D . 16.70 3.51 -10.43
O2 OLA D . 16.38 5.53 -9.78
C2 OLA D . 16.61 5.19 -12.14
C3 OLA D . 15.93 6.55 -12.25
C4 OLA D . 14.75 6.47 -13.20
C5 OLA D . 13.90 7.74 -13.13
C6 OLA D . 13.88 8.48 -14.46
C7 OLA D . 14.66 9.78 -14.37
C8 OLA D . 14.30 10.72 -15.52
C9 OLA D . 12.81 10.86 -15.62
C10 OLA D . 12.19 11.50 -16.79
C11 OLA D . 12.80 12.75 -17.39
C12 OLA D . 11.89 13.26 -18.50
C13 OLA D . 12.50 14.46 -19.21
C1 OLA E . 3.14 23.92 -35.15
O1 OLA E . 4.26 23.89 -35.69
O2 OLA E . 2.27 24.70 -35.59
C2 OLA E . 2.84 23.02 -33.97
C3 OLA E . 4.14 22.66 -33.29
C4 OLA E . 4.51 23.72 -32.24
C5 OLA E . 4.36 23.15 -30.83
C6 OLA E . 5.62 23.42 -30.01
C7 OLA E . 5.79 24.91 -29.75
C8 OLA E . 6.66 25.12 -28.53
C9 OLA E . 5.90 24.69 -27.29
C10 OLA E . 6.62 24.55 -26.01
C11 OLA E . 7.93 23.81 -25.99
C12 OLA E . 8.61 24.01 -24.64
C13 OLA E . 9.96 23.31 -24.62
C14 OLA E . 10.33 22.86 -23.22
C15 OLA E . 11.81 22.50 -23.14
C16 OLA E . 12.22 22.18 -21.70
C17 OLA E . 13.73 22.15 -21.57
C18 OLA E . 14.15 21.96 -20.11
C1 OLA F . -18.49 10.43 -27.64
O1 OLA F . -18.25 11.65 -27.73
O2 OLA F . -18.38 9.70 -28.66
C2 OLA F . -18.93 9.83 -26.32
C3 OLA F . -17.71 9.70 -25.40
C4 OLA F . -17.67 8.33 -24.73
C5 OLA F . -18.58 8.28 -23.50
C6 OLA F . -17.91 7.63 -22.29
C7 OLA F . -16.39 7.76 -22.36
C8 OLA F . -15.69 7.03 -21.23
C9 OLA F . -16.27 5.64 -21.03
C10 OLA F . -15.60 4.68 -20.15
C11 OLA F . -14.17 4.28 -20.43
C12 OLA F . -13.66 3.35 -19.33
C13 OLA F . -12.46 2.54 -19.82
C14 OLA F . -11.14 3.16 -19.38
C15 OLA F . -10.80 2.79 -17.95
C16 OLA F . -9.46 3.40 -17.53
C17 OLA F . -9.01 2.85 -16.18
C18 OLA F . -7.70 3.51 -15.74
C1 OLA G . -12.38 -2.21 -1.92
O1 OLA G . -12.86 -3.05 -1.13
O2 OLA G . -11.30 -2.47 -2.50
C2 OLA G . -13.09 -0.90 -2.18
C3 OLA G . -14.36 -1.15 -2.98
C4 OLA G . -14.26 -0.55 -4.37
C5 OLA G . -14.51 0.96 -4.35
C6 OLA G . -14.67 1.46 -5.79
C7 OLA G . -15.87 2.40 -5.93
C8 OLA G . -16.22 2.59 -7.40
C9 OLA G . -17.53 3.34 -7.52
C1 OLA H . -21.59 11.93 -25.30
O1 OLA H . -20.67 12.42 -24.62
O2 OLA H . -21.98 12.53 -26.33
C2 OLA H . -22.24 10.62 -24.90
C3 OLA H . -22.54 10.66 -23.41
C4 OLA H . -22.00 9.40 -22.72
C5 OLA H . -22.51 9.31 -21.28
C6 OLA H . -21.62 8.40 -20.44
C7 OLA H . -21.69 8.79 -18.97
C8 OLA H . -20.80 7.90 -18.10
C9 OLA H . -19.39 7.91 -18.63
C10 OLA H . -18.39 6.98 -18.08
C11 OLA H . -18.38 6.70 -16.58
C12 OLA H . -17.27 5.69 -16.27
C13 OLA H . -17.33 5.27 -14.81
NA NA I . 2.47 13.16 -10.33
C1 OLA J . 25.24 4.74 -13.09
O1 OLA J . 25.76 3.61 -13.23
O2 OLA J . 25.91 5.68 -12.63
C2 OLA J . 23.80 4.98 -13.50
C3 OLA J . 23.25 6.19 -12.76
C4 OLA J . 21.84 5.94 -12.26
C5 OLA J . 21.18 7.24 -11.80
C6 OLA J . 20.07 6.96 -10.80
C7 OLA J . 20.12 7.96 -9.64
C8 OLA J . 19.60 9.32 -10.07
C9 OLA J . 18.30 9.14 -10.83
C10 OLA J . 18.01 10.04 -11.96
C11 OLA J . 18.36 11.50 -11.86
C12 OLA J . 18.70 12.04 -13.24
C13 OLA J . 17.48 11.99 -14.17
C14 OLA J . 16.67 13.28 -14.04
C15 OLA J . 17.50 14.49 -14.42
C16 OLA J . 17.61 14.63 -15.93
C17 OLA J . 16.31 15.17 -16.51
C18 OLA J . 16.00 16.53 -15.89
C1 OLA K . 15.43 2.14 -15.16
O1 OLA K . 16.63 1.77 -15.19
O2 OLA K . 14.55 1.31 -14.84
C2 OLA K . 15.07 3.57 -15.49
C3 OLA K . 14.55 3.64 -16.93
C4 OLA K . 15.05 4.88 -17.64
C5 OLA K . 14.70 4.85 -19.12
C6 OLA K . 13.32 5.45 -19.38
C7 OLA K . 13.32 6.95 -19.14
C8 OLA K . 13.61 7.71 -20.43
C9 OLA K . 13.13 9.14 -20.30
C10 OLA K . 12.95 9.98 -21.49
C11 OLA K . 13.97 9.94 -22.60
C12 OLA K . 13.55 10.89 -23.71
C1 OLA L . 2.95 35.18 -21.68
O1 OLA L . 3.07 35.06 -20.44
O2 OLA L . 1.91 35.69 -22.15
C2 OLA L . 4.05 34.69 -22.61
C3 OLA L . 4.48 33.30 -22.19
C4 OLA L . 5.92 33.03 -22.60
C5 OLA L . 6.12 31.56 -22.91
C6 OLA L . 7.60 31.17 -22.90
C7 OLA L . 8.26 31.55 -21.58
C8 OLA L . 8.44 30.33 -20.68
C9 OLA L . 8.60 29.08 -21.52
C10 OLA L . 9.31 27.92 -20.97
C11 OLA L . 10.41 28.18 -19.96
C12 OLA L . 11.74 27.66 -20.48
C13 OLA L . 12.01 26.23 -20.04
C14 OLA L . 13.04 26.20 -18.92
C15 OLA L . 12.39 25.75 -17.61
C16 OLA L . 12.42 24.23 -17.51
C17 OLA L . 13.56 23.76 -16.60
C18 OLA L . 13.19 23.98 -15.14
C1 OLA M . 10.10 36.34 -15.79
O1 OLA M . 10.91 37.24 -15.51
O2 OLA M . 9.19 36.57 -16.63
C2 OLA M . 10.18 34.99 -15.12
C3 OLA M . 11.63 34.63 -14.82
C4 OLA M . 11.81 34.32 -13.34
C5 OLA M . 12.95 33.32 -13.13
C6 OLA M . 12.75 32.54 -11.85
C7 OLA M . 13.21 31.09 -12.00
C8 OLA M . 12.97 30.31 -10.71
C9 OLA M . 13.65 31.06 -9.58
C10 OLA M . 14.25 30.33 -8.46
C11 OLA M . 13.59 29.09 -7.92
C12 OLA M . 14.43 28.57 -6.75
C13 OLA M . 13.80 27.34 -6.13
C1 OLA N . 8.15 20.84 -35.18
O1 OLA N . 8.86 21.84 -35.45
O2 OLA N . 8.16 19.86 -35.95
C2 OLA N . 7.29 20.83 -33.94
C3 OLA N . 6.45 19.56 -33.90
C4 OLA N . 6.44 18.95 -32.50
C5 OLA N . 5.68 19.85 -31.53
C6 OLA N . 5.89 19.46 -30.07
C7 OLA N . 7.09 18.54 -29.88
C8 OLA N . 8.26 19.26 -29.21
C9 OLA N . 7.95 19.49 -27.75
C10 OLA N . 9.03 19.84 -26.81
C11 OLA N . 10.24 18.94 -26.67
C12 OLA N . 11.17 19.53 -25.61
C13 OLA N . 12.46 18.73 -25.46
C14 OLA N . 12.20 17.23 -25.41
C15 OLA N . 13.38 16.51 -24.76
C16 OLA N . 13.42 16.76 -23.25
C17 OLA N . 14.83 17.11 -22.80
C18 OLA N . 14.98 16.98 -21.29
C1 OLA O . -14.87 10.12 -30.57
O1 OLA O . -14.12 10.86 -31.24
O2 OLA O . -16.00 10.55 -30.23
C2 OLA O . -14.42 8.73 -30.18
C3 OLA O . -15.27 8.23 -29.01
C4 OLA O . -14.39 7.83 -27.84
C5 OLA O . -13.34 6.80 -28.27
C6 OLA O . -12.35 6.54 -27.13
C7 OLA O . -10.97 6.21 -27.68
C8 OLA O . -10.08 5.68 -26.56
C9 OLA O . -8.82 5.07 -27.14
C10 OLA O . -7.93 4.28 -26.27
C11 OLA O . -7.81 4.64 -24.81
C12 OLA O . -6.74 3.79 -24.15
C13 OLA O . -7.29 2.47 -23.63
C14 OLA O . -7.10 1.35 -24.65
C15 OLA O . -5.68 1.33 -25.17
C16 OLA O . -4.99 -0.01 -24.90
C17 OLA O . -3.50 0.05 -25.20
C18 OLA O . -3.25 0.58 -26.61
C1 OLA P . -6.66 11.33 9.48
O1 OLA P . -6.74 12.57 9.44
O2 OLA P . -7.62 10.65 9.03
C2 OLA P . -5.44 10.65 10.05
C3 OLA P . -4.30 10.76 9.04
C4 OLA P . -4.20 9.49 8.21
C5 OLA P . -3.80 9.82 6.77
C6 OLA P . -4.74 9.16 5.78
C7 OLA P . -5.14 10.12 4.68
C8 OLA P . -6.39 9.64 3.93
C9 OLA P . -6.16 8.23 3.47
C10 OLA P . -6.36 7.88 2.05
C11 OLA P . -7.46 8.54 1.26
C12 OLA P . -7.15 8.40 -0.23
C13 OLA P . -8.36 8.80 -1.07
C14 OLA P . -8.34 10.29 -1.39
C15 OLA P . -9.71 10.76 -1.85
C16 OLA P . -10.25 9.86 -2.96
C17 OLA P . -11.41 10.51 -3.69
C18 OLA P . -12.51 10.91 -2.72
C18 OLC Q . -0.79 21.03 -1.08
C10 OLC Q . -0.28 28.13 -5.14
C9 OLC Q . -0.80 29.13 -5.82
C17 OLC Q . 0.18 22.14 -1.50
C11 OLC Q . -0.98 26.77 -5.16
C8 OLC Q . -0.11 30.50 -5.82
C24 OLC Q . -2.27 37.14 -15.41
C16 OLC Q . -0.37 23.49 -1.06
C12 OLC Q . -1.86 26.63 -3.93
C7 OLC Q . -0.05 31.04 -7.24
C15 OLC Q . 0.48 24.60 -1.65
C13 OLC Q . -1.00 26.33 -2.70
C6 OLC Q . -1.46 31.14 -7.81
C14 OLC Q . -0.15 25.09 -2.96
C5 OLC Q . -1.56 32.39 -8.69
C4 OLC Q . -0.95 32.08 -10.05
C3 OLC Q . 0.10 33.15 -10.41
C2 OLC Q . -0.46 34.54 -10.12
C21 OLC Q . -1.66 35.71 -13.46
C1 OLC Q . -1.39 34.98 -11.25
C22 OLC Q . -2.07 37.11 -13.89
O19 OLC Q . -2.52 34.64 -11.24
O25 OLC Q . -1.01 37.11 -16.04
O23 OLC Q . -3.27 37.47 -13.26
O20 OLC Q . -0.90 35.78 -12.28
C1 OLA R . 0.97 -11.06 -10.46
O1 OLA R . 1.65 -10.88 -11.50
O2 OLA R . -0.11 -11.67 -10.55
C2 OLA R . 1.45 -10.53 -9.14
C3 OLA R . 1.35 -9.01 -9.12
C4 OLA R . 2.67 -8.36 -8.72
C5 OLA R . 2.50 -7.57 -7.43
C6 OLA R . 3.23 -6.24 -7.50
C7 OLA R . 2.52 -5.21 -6.63
C8 OLA R . 1.08 -5.03 -7.08
C9 OLA R . 0.95 -3.69 -7.77
C10 OLA R . -0.33 -3.26 -8.35
C11 OLA R . -0.88 -3.92 -9.59
C12 OLA R . -2.04 -3.09 -10.12
C13 OLA R . -1.57 -1.69 -10.51
C14 OLA R . -2.35 -1.16 -11.70
C15 OLA R . -2.60 -2.25 -12.74
C16 OLA R . -3.63 -1.80 -13.77
C17 OLA R . -2.99 -1.49 -15.11
C18 OLA R . -2.50 -2.77 -15.79
C1 OLA S . 10.35 0.02 -17.05
O1 OLA S . 10.10 -0.95 -17.81
O2 OLA S . 11.17 -0.16 -16.12
C2 OLA S . 9.67 1.35 -17.25
C3 OLA S . 10.03 1.89 -18.63
C4 OLA S . 8.77 2.24 -19.42
C5 OLA S . 8.60 3.75 -19.50
C6 OLA S . 9.05 4.25 -20.87
C7 OLA S . 8.20 5.45 -21.30
C8 OLA S . 7.77 5.31 -22.76
C9 OLA S . 6.37 4.76 -22.81
C10 OLA S . 5.74 4.45 -24.10
C11 OLA S . 6.44 4.82 -25.38
C12 OLA S . 5.50 5.61 -26.28
C13 OLA S . 5.60 7.10 -25.93
C14 OLA S . 6.01 7.93 -27.13
C15 OLA S . 4.88 8.87 -27.55
C16 OLA S . 5.16 9.56 -28.87
C17 OLA S . 4.17 10.69 -29.11
C18 OLA S . 4.12 11.09 -30.58
C1 OLA T . 3.52 19.55 -36.40
O1 OLA T . 4.56 19.13 -36.94
O2 OLA T . 3.27 20.78 -36.44
C2 OLA T . 2.58 18.60 -35.69
C3 OLA T . 3.35 17.73 -34.72
C4 OLA T . 2.68 16.37 -34.56
C5 OLA T . 2.74 15.89 -33.10
C6 OLA T . 4.09 16.16 -32.46
C7 OLA T . 4.72 14.86 -31.96
C8 OLA T . 5.86 15.16 -30.98
C9 OLA T . 6.27 13.89 -30.27
C10 OLA T . 7.23 13.94 -29.16
C11 OLA T . 8.47 14.80 -29.28
C12 OLA T . 9.22 14.79 -27.95
N1 U30 U . -7.91 21.38 -17.24
N3 U30 U . -7.00 23.31 -18.10
C4 U30 U . -6.61 19.50 -16.30
C5 U30 U . -6.72 20.87 -16.97
C6 U30 U . -8.05 22.57 -17.79
C7 U30 U . -5.77 22.89 -17.85
C8 U30 U . -4.53 23.69 -18.19
C10 U30 U . -2.62 26.40 -19.61
C13 U30 U . -2.37 29.06 -16.91
C15 U30 U . -4.27 29.41 -18.31
C17 U30 U . -5.11 31.56 -19.26
C20 U30 U . -7.61 19.18 -15.40
C21 U30 U . -7.62 17.96 -14.73
C22 U30 U . -6.62 17.04 -14.96
N U30 U . -3.65 15.62 -16.35
C U30 U . -4.49 16.35 -16.13
O U30 U . -6.26 29.49 -19.64
C1 U30 U . -5.61 17.35 -15.86
C11 U30 U . -2.90 27.61 -18.74
C12 U30 U . -2.07 27.94 -17.68
C14 U30 U . -3.49 29.80 -17.24
C16 U30 U . -5.52 30.21 -18.70
C18 U30 U . -6.37 30.41 -17.44
C19 U30 U . -5.61 21.65 -17.26
C2 U30 U . -5.59 18.55 -16.53
C3 U30 U . -4.42 18.76 -17.50
C9 U30 U . -4.44 24.89 -18.90
N2 U30 U . -9.39 23.06 -18.08
N4 U30 U . -3.16 25.21 -18.96
N5 U30 U . -3.97 28.35 -19.01
N6 U30 U . -2.42 24.28 -18.32
N7 U30 U . -3.29 23.34 -17.84
C18 OLC V . 20.46 17.78 -7.31
C10 OLC V . 14.98 20.27 -3.33
C9 OLC V . 13.84 19.82 -2.83
C17 OLC V . 19.44 16.85 -6.63
C11 OLC V . 16.26 20.24 -2.49
C8 OLC V . 13.77 19.26 -1.42
C24 OLC V . 16.02 16.50 8.50
C16 OLC V . 19.60 16.96 -5.11
C12 OLC V . 17.46 20.47 -3.40
C7 OLC V . 13.55 17.76 -1.47
C15 OLC V . 19.35 18.40 -4.67
C13 OLC V . 18.71 19.86 -2.75
C6 OLC V . 12.49 17.35 -0.43
C14 OLC V . 18.88 18.42 -3.21
C5 OLC V . 13.01 17.68 0.96
C4 OLC V . 14.23 16.82 1.27
C3 OLC V . 14.94 17.35 2.51
C2 OLC V . 15.66 16.20 3.21
C21 OLC V . 17.41 16.14 6.45
C1 OLC V . 16.44 16.72 4.40
C22 OLC V . 17.19 17.01 7.69
O19 OLC V . 17.20 17.61 4.27
O25 OLC V . 16.11 16.95 9.82
O23 OLC V . 18.35 16.99 8.47
O20 OLC V . 16.25 16.15 5.67
C6 OLA W . 6.20 29.39 -5.00
C7 OLA W . 6.35 27.91 -5.31
C8 OLA W . 6.19 27.08 -4.05
C9 OLA W . 6.04 25.62 -4.41
C10 OLA W . 5.42 24.70 -3.44
C11 OLA W . 5.26 25.13 -2.01
C12 OLA W . 5.18 23.91 -1.10
C13 OLA W . 6.54 23.21 -1.04
C14 OLA W . 6.39 21.73 -0.75
C15 OLA W . 6.07 21.49 0.72
C16 OLA W . 5.50 20.08 0.94
C17 OLA W . 4.87 19.96 2.32
C18 OLA W . 4.08 18.66 2.44
C1 PEG X . -3.44 -14.51 6.52
O1 PEG X . -3.00 -14.04 7.78
C2 PEG X . -2.28 -14.97 5.68
O2 PEG X . -1.58 -15.99 6.38
C3 PEG X . -0.17 -15.85 6.27
C4 PEG X . 0.25 -16.14 4.85
O4 PEG X . 0.87 -15.01 4.26
C1 CLR Y . -21.97 21.55 -12.13
C2 CLR Y . -22.82 22.48 -12.81
C3 CLR Y . -24.00 22.27 -12.90
C4 CLR Y . -24.47 21.67 -11.85
C5 CLR Y . -23.70 20.62 -11.42
C6 CLR Y . -24.34 19.18 -11.53
C7 CLR Y . -23.70 18.35 -11.20
C8 CLR Y . -22.26 18.52 -11.77
C9 CLR Y . -21.65 19.64 -11.42
C10 CLR Y . -22.45 20.76 -11.51
C11 CLR Y . -20.91 19.50 -10.26
C12 CLR Y . -19.96 18.06 -10.17
C13 CLR Y . -20.58 17.12 -10.28
C14 CLR Y . -21.42 17.17 -11.44
C15 CLR Y . -22.16 15.87 -11.40
C16 CLR Y . -21.27 15.07 -10.92
C17 CLR Y . -20.11 16.00 -10.32
C18 CLR Y . -21.45 17.13 -9.06
C19 CLR Y . -22.27 21.44 -10.17
C20 CLR Y . -19.61 15.34 -8.86
C21 CLR Y . -18.12 15.57 -8.64
C22 CLR Y . -19.86 13.95 -8.86
C23 CLR Y . -20.62 13.55 -7.58
C24 CLR Y . -19.87 12.55 -6.87
C25 CLR Y . -19.16 13.21 -5.67
C26 CLR Y . -18.18 12.20 -5.03
C27 CLR Y . -20.16 13.70 -4.65
O1 CLR Y . -24.77 23.79 -12.97
#